data_7T2L
#
_entry.id   7T2L
#
_cell.length_a   121.651
_cell.length_b   61.746
_cell.length_c   79.753
_cell.angle_alpha   90.000
_cell.angle_beta   117.334
_cell.angle_gamma   90.000
#
_symmetry.space_group_name_H-M   'C 1 2 1'
#
loop_
_entity.id
_entity.type
_entity.pdbx_description
1 polymer 'Transcriptional enhancer factor TEF-4'
2 non-polymer (3aR,4R,7aS)-4-[3-(trifluoromethyl)anilino]octahydro-2H-isoindole-2-carbonitrile
3 water water
#
_entity_poly.entity_id   1
_entity_poly.type   'polypeptide(L)'
_entity_poly.pdbx_seq_one_letter_code
;GHMAWQARGLGTARLQLVEFSAFVEPPDAVDSYQRHLFVHISQHCPSPGAPPLESVDVRQIYDKFPEKKGGLRELYDRGP
PHAFFLVKFWADLNWGPSGEEAGAGGSISSGGFYGVSSQYESLEHMTLTCSSKVCSFGKQVVEKVETERAQLEDGRFVYR
LLRSPMCEYLVNFLHKLRQLPERYMMNSVLENFTILQVVTNRDTQELLLCTAYVFEVSTSERGAQHHIYRLVRD
;
_entity_poly.pdbx_strand_id   B,A
#
loop_
_chem_comp.id
_chem_comp.type
_chem_comp.name
_chem_comp.formula
EFI non-polymer (3aR,4R,7aS)-4-[3-(trifluoromethyl)anilino]octahydro-2H-isoindole-2-carbonitrile 'C16 H18 F3 N3'
#
# COMPACT_ATOMS: atom_id res chain seq x y z
N ALA A 4 -21.52 27.87 0.41
CA ALA A 4 -20.53 28.75 -0.20
C ALA A 4 -19.86 28.06 -1.40
N TRP A 5 -18.54 27.90 -1.32
CA TRP A 5 -17.82 26.88 -2.11
C TRP A 5 -17.55 25.61 -1.29
N GLN A 6 -18.45 25.28 -0.38
CA GLN A 6 -18.34 24.16 0.56
C GLN A 6 -18.82 22.88 -0.13
N ALA A 7 -18.50 21.74 0.48
CA ALA A 7 -18.71 20.45 -0.18
C ALA A 7 -20.11 19.93 0.08
N ARG A 8 -20.68 19.29 -0.95
CA ARG A 8 -21.94 18.60 -0.81
C ARG A 8 -21.80 17.08 -0.76
N GLY A 9 -20.64 16.54 -1.11
CA GLY A 9 -20.34 15.14 -0.92
C GLY A 9 -18.84 14.94 -0.94
N LEU A 10 -18.43 13.68 -0.93
CA LEU A 10 -17.03 13.34 -0.73
C LEU A 10 -16.29 13.55 -2.04
N GLY A 11 -15.65 14.70 -2.18
CA GLY A 11 -14.92 15.01 -3.38
C GLY A 11 -14.66 16.48 -3.50
N THR A 12 -13.64 16.81 -4.29
CA THR A 12 -13.37 18.17 -4.72
C THR A 12 -13.85 18.33 -6.16
N ALA A 13 -13.61 19.52 -6.74
CA ALA A 13 -13.83 19.69 -8.16
C ALA A 13 -12.84 18.92 -9.01
N ARG A 14 -11.72 18.50 -8.42
CA ARG A 14 -10.68 17.79 -9.14
C ARG A 14 -10.85 16.29 -9.09
N LEU A 15 -11.48 15.75 -8.04
CA LEU A 15 -11.55 14.30 -7.88
C LEU A 15 -12.74 13.98 -6.98
N GLN A 16 -13.75 13.35 -7.56
CA GLN A 16 -14.97 12.98 -6.86
C GLN A 16 -14.99 11.47 -6.64
N LEU A 17 -15.47 11.05 -5.48
CA LEU A 17 -15.67 9.64 -5.20
C LEU A 17 -17.00 9.19 -5.78
N VAL A 18 -16.97 8.28 -6.75
CA VAL A 18 -18.22 7.79 -7.32
C VAL A 18 -18.83 6.72 -6.41
N GLU A 19 -18.06 5.70 -6.06
CA GLU A 19 -18.57 4.61 -5.23
C GLU A 19 -17.41 3.98 -4.46
N PHE A 20 -17.73 3.48 -3.27
CA PHE A 20 -16.78 2.76 -2.45
C PHE A 20 -17.56 1.71 -1.67
N SER A 21 -16.97 0.52 -1.52
CA SER A 21 -17.68 -0.56 -0.86
C SER A 21 -16.68 -1.62 -0.42
N ALA A 22 -16.97 -2.24 0.73
CA ALA A 22 -16.29 -3.44 1.17
C ALA A 22 -17.33 -4.53 1.35
N PHE A 23 -17.09 -5.69 0.74
CA PHE A 23 -18.15 -6.69 0.58
C PHE A 23 -17.55 -8.08 0.75
N VAL A 24 -18.42 -9.07 0.91
CA VAL A 24 -18.03 -10.47 0.78
C VAL A 24 -19.03 -11.20 -0.11
N GLU A 25 -18.53 -12.03 -1.02
CA GLU A 25 -19.36 -12.94 -1.79
C GLU A 25 -19.17 -14.35 -1.26
N PRO A 26 -20.22 -15.04 -0.80
CA PRO A 26 -20.05 -16.42 -0.31
C PRO A 26 -19.58 -17.34 -1.43
N PRO A 27 -18.99 -18.50 -1.10
CA PRO A 27 -18.51 -19.40 -2.17
C PRO A 27 -19.61 -19.84 -3.12
N ASP A 28 -20.85 -19.93 -2.64
CA ASP A 28 -21.99 -20.25 -3.48
C ASP A 28 -22.63 -19.01 -4.09
N ALA A 29 -21.89 -17.91 -4.23
CA ALA A 29 -22.25 -16.88 -5.19
C ALA A 29 -22.06 -17.33 -6.64
N VAL A 30 -21.20 -18.33 -6.87
CA VAL A 30 -21.05 -18.89 -8.21
C VAL A 30 -22.36 -19.46 -8.72
N ASP A 31 -23.02 -20.29 -7.90
CA ASP A 31 -24.27 -20.90 -8.32
C ASP A 31 -25.41 -19.87 -8.34
N SER A 32 -25.49 -19.04 -7.30
CA SER A 32 -26.49 -17.97 -7.23
C SER A 32 -25.87 -16.77 -6.55
N TYR A 33 -25.75 -15.65 -7.27
CA TYR A 33 -24.86 -14.57 -6.86
C TYR A 33 -25.49 -13.77 -5.72
N GLN A 34 -24.65 -13.36 -4.78
CA GLN A 34 -25.06 -12.62 -3.61
C GLN A 34 -23.84 -11.89 -3.07
N ARG A 35 -24.05 -10.65 -2.61
CA ARG A 35 -22.98 -9.84 -2.04
C ARG A 35 -23.48 -9.21 -0.76
N HIS A 36 -22.66 -9.28 0.28
CA HIS A 36 -22.93 -8.61 1.55
C HIS A 36 -21.98 -7.43 1.70
N LEU A 37 -22.55 -6.26 1.92
CA LEU A 37 -21.76 -5.03 2.04
C LEU A 37 -21.52 -4.75 3.51
N PHE A 38 -20.26 -4.70 3.90
CA PHE A 38 -19.92 -4.17 5.22
C PHE A 38 -20.14 -2.67 5.27
N VAL A 39 -19.60 -1.96 4.28
CA VAL A 39 -19.74 -0.51 4.20
C VAL A 39 -19.98 -0.15 2.75
N HIS A 40 -20.61 1.00 2.53
CA HIS A 40 -20.97 1.37 1.17
C HIS A 40 -21.18 2.87 1.11
N ILE A 41 -20.63 3.50 0.08
CA ILE A 41 -21.00 4.86 -0.32
C ILE A 41 -21.31 4.83 -1.80
N SER A 42 -22.54 5.19 -2.15
CA SER A 42 -22.88 5.49 -3.53
C SER A 42 -23.12 6.99 -3.67
N GLN A 43 -22.35 7.63 -4.56
CA GLN A 43 -22.50 9.04 -4.90
C GLN A 43 -22.75 9.23 -6.39
N HIS A 44 -23.41 8.27 -7.03
CA HIS A 44 -23.95 8.52 -8.37
C HIS A 44 -25.47 8.55 -8.34
N GLY A 49 -28.72 18.57 -6.16
CA GLY A 49 -29.26 19.77 -5.54
C GLY A 49 -29.52 19.61 -4.05
N ALA A 50 -28.47 19.77 -3.27
CA ALA A 50 -28.33 19.14 -1.95
C ALA A 50 -27.68 20.16 -1.02
N PRO A 51 -27.88 20.00 0.29
CA PRO A 51 -27.30 20.97 1.25
C PRO A 51 -25.81 20.75 1.43
N PRO A 52 -25.09 21.72 1.99
CA PRO A 52 -23.67 21.47 2.31
C PRO A 52 -23.51 20.41 3.40
N LEU A 53 -22.39 19.69 3.32
CA LEU A 53 -22.10 18.69 4.34
C LEU A 53 -21.85 19.35 5.68
N GLU A 54 -22.18 18.64 6.75
CA GLU A 54 -21.81 19.08 8.07
C GLU A 54 -20.30 19.03 8.23
N SER A 55 -19.79 19.75 9.22
CA SER A 55 -18.36 19.85 9.42
C SER A 55 -17.98 19.28 10.78
N VAL A 56 -16.75 18.79 10.87
CA VAL A 56 -16.17 18.29 12.12
C VAL A 56 -14.74 18.80 12.22
N ASP A 57 -14.38 19.35 13.38
CA ASP A 57 -13.07 19.98 13.53
C ASP A 57 -11.97 18.93 13.55
N VAL A 58 -10.95 19.12 12.70
CA VAL A 58 -9.99 18.06 12.47
C VAL A 58 -9.19 17.77 13.73
N ARG A 59 -9.04 18.78 14.61
CA ARG A 59 -8.23 18.59 15.81
C ARG A 59 -8.82 17.52 16.72
N GLN A 60 -10.14 17.34 16.67
CA GLN A 60 -10.80 16.38 17.56
C GLN A 60 -10.32 14.95 17.31
N ILE A 61 -9.95 14.64 16.07
CA ILE A 61 -9.58 13.28 15.69
C ILE A 61 -8.09 13.15 15.40
N TYR A 62 -7.31 14.20 15.64
CA TYR A 62 -5.85 14.08 15.57
C TYR A 62 -5.36 12.82 16.26
N ASP A 63 -5.77 12.61 17.51
CA ASP A 63 -5.21 11.54 18.33
C ASP A 63 -5.61 10.16 17.83
N LYS A 64 -6.64 10.06 16.98
CA LYS A 64 -7.06 8.79 16.41
C LYS A 64 -6.19 8.35 15.23
N PHE A 65 -5.20 9.13 14.86
CA PHE A 65 -4.38 8.91 13.68
C PHE A 65 -2.94 9.27 14.00
N PRO A 66 -1.97 8.78 13.20
CA PRO A 66 -0.57 8.90 13.60
C PRO A 66 -0.05 10.33 13.56
N GLU A 67 1.18 10.51 14.05
CA GLU A 67 1.89 11.79 14.04
C GLU A 67 3.14 11.63 13.19
N LYS A 68 4.01 12.64 13.25
CA LYS A 68 5.12 12.77 12.31
C LYS A 68 4.58 12.65 10.89
N LYS A 69 5.28 11.91 10.03
CA LYS A 69 5.08 12.03 8.59
C LYS A 69 3.94 11.12 8.14
N GLY A 70 3.02 11.66 7.35
CA GLY A 70 1.76 11.01 7.10
C GLY A 70 0.70 11.19 8.18
N GLY A 71 0.97 12.01 9.19
CA GLY A 71 -0.01 12.26 10.22
C GLY A 71 -1.03 13.33 9.85
N LEU A 72 -2.23 13.20 10.42
CA LEU A 72 -3.35 14.05 10.01
C LEU A 72 -3.02 15.52 10.16
N ARG A 73 -2.38 15.90 11.27
CA ARG A 73 -1.93 17.27 11.44
C ARG A 73 -1.08 17.73 10.26
N GLU A 74 -0.05 16.95 9.91
CA GLU A 74 0.87 17.38 8.86
C GLU A 74 0.20 17.41 7.50
N LEU A 75 -0.63 16.41 7.20
CA LEU A 75 -1.34 16.40 5.92
C LEU A 75 -2.23 17.63 5.78
N TYR A 76 -2.96 17.97 6.85
CA TYR A 76 -3.85 19.13 6.81
C TYR A 76 -3.06 20.43 6.71
N ASP A 77 -1.85 20.46 7.28
CA ASP A 77 -0.98 21.62 7.11
C ASP A 77 -0.46 21.74 5.67
N ARG A 78 -0.25 20.61 4.98
CA ARG A 78 0.00 20.66 3.53
C ARG A 78 -1.22 21.13 2.75
N GLY A 79 -2.41 20.73 3.19
CA GLY A 79 -3.62 21.04 2.47
C GLY A 79 -3.71 20.27 1.17
N PRO A 80 -4.67 20.66 0.31
CA PRO A 80 -5.55 21.80 0.54
C PRO A 80 -6.66 21.43 1.50
N PRO A 81 -7.07 22.39 2.33
CA PRO A 81 -8.04 22.07 3.40
C PRO A 81 -9.33 21.43 2.90
N HIS A 82 -9.79 21.81 1.72
CA HIS A 82 -11.11 21.37 1.29
C HIS A 82 -11.12 19.92 0.82
N ALA A 83 -9.96 19.27 0.78
CA ALA A 83 -9.88 17.90 0.31
C ALA A 83 -10.08 16.87 1.42
N PHE A 84 -10.34 17.33 2.65
CA PHE A 84 -10.30 16.49 3.84
C PHE A 84 -11.72 16.21 4.31
N PHE A 85 -12.05 14.93 4.48
CA PHE A 85 -13.39 14.49 4.87
C PHE A 85 -13.27 13.46 5.98
N LEU A 86 -14.31 13.38 6.81
CA LEU A 86 -14.50 12.28 7.76
C LEU A 86 -15.72 11.48 7.36
N VAL A 87 -15.58 10.17 7.30
CA VAL A 87 -16.70 9.26 7.08
C VAL A 87 -16.87 8.42 8.34
N LYS A 88 -18.04 8.52 8.96
CA LYS A 88 -18.40 7.60 10.03
C LYS A 88 -19.22 6.48 9.42
N PHE A 89 -18.73 5.24 9.59
CA PHE A 89 -19.43 4.05 9.13
C PHE A 89 -20.11 3.38 10.30
N TRP A 90 -21.35 2.97 10.08
CA TRP A 90 -21.95 1.85 10.80
C TRP A 90 -21.84 0.61 9.92
N ALA A 91 -21.02 -0.35 10.34
CA ALA A 91 -20.70 -1.51 9.52
C ALA A 91 -21.70 -2.64 9.78
N ASP A 92 -22.12 -3.30 8.71
CA ASP A 92 -23.02 -4.44 8.81
C ASP A 92 -22.20 -5.72 8.92
N LEU A 93 -22.23 -6.35 10.09
CA LEU A 93 -21.36 -7.50 10.39
C LEU A 93 -22.14 -8.79 10.58
N ASN A 94 -23.35 -8.92 10.05
CA ASN A 94 -24.04 -10.20 10.05
C ASN A 94 -24.10 -10.74 8.62
N TRP A 95 -23.43 -11.87 8.39
CA TRP A 95 -23.42 -12.46 7.06
C TRP A 95 -23.11 -13.95 7.11
N SER A 110 -17.83 -19.19 6.34
CA SER A 110 -16.61 -18.44 6.03
C SER A 110 -16.10 -18.76 4.63
N GLY A 111 -14.91 -18.25 4.30
CA GLY A 111 -14.19 -18.73 3.13
C GLY A 111 -14.76 -18.30 1.80
N GLY A 112 -15.51 -17.20 1.75
CA GLY A 112 -15.81 -16.52 0.50
C GLY A 112 -14.80 -15.45 0.16
N PHE A 113 -15.13 -14.65 -0.86
CA PHE A 113 -14.23 -13.62 -1.38
C PHE A 113 -14.52 -12.30 -0.70
N TYR A 114 -13.50 -11.73 -0.07
CA TYR A 114 -13.64 -10.46 0.64
C TYR A 114 -12.98 -9.38 -0.19
N GLY A 115 -13.75 -8.36 -0.55
CA GLY A 115 -13.38 -7.46 -1.62
C GLY A 115 -13.55 -6.03 -1.17
N VAL A 116 -12.85 -5.14 -1.90
CA VAL A 116 -13.01 -3.70 -1.78
C VAL A 116 -13.01 -3.12 -3.18
N SER A 117 -13.96 -2.23 -3.45
CA SER A 117 -14.06 -1.59 -4.75
C SER A 117 -14.12 -0.08 -4.53
N SER A 118 -13.37 0.66 -5.35
CA SER A 118 -13.37 2.11 -5.31
C SER A 118 -13.49 2.64 -6.72
N GLN A 119 -14.19 3.76 -6.87
CA GLN A 119 -14.23 4.42 -8.15
C GLN A 119 -14.27 5.92 -7.93
N TYR A 120 -13.41 6.64 -8.66
CA TYR A 120 -13.30 8.09 -8.61
C TYR A 120 -13.45 8.66 -10.01
N GLU A 121 -13.64 9.96 -10.08
CA GLU A 121 -13.98 10.64 -11.32
C GLU A 121 -13.32 12.00 -11.31
N SER A 122 -12.92 12.48 -12.50
CA SER A 122 -12.25 13.77 -12.56
C SER A 122 -12.46 14.35 -13.94
N LEU A 123 -12.20 15.64 -14.07
CA LEU A 123 -12.23 16.27 -15.38
C LEU A 123 -10.87 16.22 -16.08
N GLU A 124 -9.77 16.06 -15.34
CA GLU A 124 -8.46 16.09 -15.94
C GLU A 124 -7.79 14.72 -15.80
N HIS A 125 -6.93 14.40 -16.76
CA HIS A 125 -6.29 13.09 -16.80
C HIS A 125 -5.08 13.12 -15.87
N MET A 126 -5.05 12.23 -14.89
CA MET A 126 -3.88 12.09 -14.07
C MET A 126 -3.70 10.62 -13.72
N THR A 127 -2.60 10.35 -13.03
CA THR A 127 -2.39 9.06 -12.41
C THR A 127 -2.48 9.24 -10.91
N LEU A 128 -3.34 8.44 -10.27
CA LEU A 128 -3.59 8.56 -8.84
C LEU A 128 -2.73 7.55 -8.10
N THR A 129 -2.26 7.94 -6.93
CA THR A 129 -1.81 7.00 -5.91
C THR A 129 -2.75 7.08 -4.72
N CYS A 130 -3.33 5.95 -4.33
N CYS A 130 -3.28 5.93 -4.32
CA CYS A 130 -4.18 5.86 -3.15
CA CYS A 130 -4.18 5.84 -3.17
C CYS A 130 -3.46 5.09 -2.08
C CYS A 130 -3.47 5.07 -2.06
N SER A 131 -3.26 5.73 -0.93
CA SER A 131 -2.67 5.11 0.25
C SER A 131 -3.74 4.94 1.30
N SER A 132 -4.09 3.69 1.61
CA SER A 132 -4.98 3.36 2.71
C SER A 132 -4.14 2.93 3.91
N LYS A 133 -4.10 3.78 4.93
CA LYS A 133 -3.39 3.48 6.16
C LYS A 133 -4.40 2.98 7.18
N VAL A 134 -4.12 1.84 7.80
CA VAL A 134 -5.00 1.21 8.78
C VAL A 134 -4.34 1.29 10.15
N CYS A 135 -5.02 1.91 11.11
CA CYS A 135 -4.41 2.28 12.37
C CYS A 135 -5.14 1.66 13.55
N SER A 136 -4.38 1.26 14.55
CA SER A 136 -4.92 0.78 15.81
C SER A 136 -4.46 1.70 16.93
N PHE A 137 -5.42 2.19 17.72
CA PHE A 137 -5.15 3.10 18.83
C PHE A 137 -4.37 4.33 18.34
N GLY A 138 -4.77 4.82 17.17
CA GLY A 138 -4.11 5.97 16.56
C GLY A 138 -2.67 5.75 16.17
N LYS A 139 -2.34 4.56 15.66
CA LYS A 139 -0.96 4.18 15.36
C LYS A 139 -0.96 3.32 14.11
N GLN A 140 -0.11 3.64 13.15
CA GLN A 140 -0.15 2.98 11.86
C GLN A 140 0.20 1.50 12.00
N VAL A 141 -0.58 0.63 11.36
CA VAL A 141 -0.50 -0.82 11.55
C VAL A 141 -0.30 -1.56 10.23
N VAL A 142 -1.11 -1.27 9.22
CA VAL A 142 -0.96 -1.79 7.88
C VAL A 142 -1.15 -0.65 6.89
N GLU A 143 -0.49 -0.75 5.73
CA GLU A 143 -0.66 0.23 4.65
C GLU A 143 -0.74 -0.47 3.31
N LYS A 144 -1.69 -0.07 2.47
CA LYS A 144 -1.68 -0.43 1.06
C LYS A 144 -1.53 0.82 0.20
N VAL A 145 -0.78 0.69 -0.89
CA VAL A 145 -0.55 1.79 -1.81
C VAL A 145 -0.74 1.28 -3.22
N GLU A 146 -1.77 1.75 -3.90
CA GLU A 146 -2.08 1.33 -5.25
C GLU A 146 -2.08 2.55 -6.16
N THR A 147 -1.72 2.32 -7.42
CA THR A 147 -1.71 3.34 -8.46
C THR A 147 -2.74 2.99 -9.54
N GLU A 148 -3.32 4.01 -10.17
CA GLU A 148 -4.39 3.81 -11.15
C GLU A 148 -4.35 4.93 -12.17
N ARG A 149 -4.15 4.57 -13.44
CA ARG A 149 -4.23 5.53 -14.54
C ARG A 149 -5.68 5.78 -14.91
N ALA A 150 -5.95 6.99 -15.40
CA ALA A 150 -7.30 7.38 -15.78
C ALA A 150 -7.78 6.60 -16.99
N GLN A 151 -9.09 6.53 -17.16
CA GLN A 151 -9.69 6.00 -18.39
C GLN A 151 -10.79 6.94 -18.86
N LEU A 152 -10.67 7.42 -20.11
CA LEU A 152 -11.58 8.43 -20.64
C LEU A 152 -12.91 7.80 -21.02
N GLU A 153 -13.98 8.25 -20.39
CA GLU A 153 -15.32 7.76 -20.66
C GLU A 153 -16.29 8.93 -20.60
N ASP A 154 -16.78 9.34 -21.77
CA ASP A 154 -17.86 10.33 -21.86
C ASP A 154 -17.39 11.68 -21.32
N GLY A 155 -16.27 12.18 -21.86
CA GLY A 155 -15.68 13.41 -21.38
C GLY A 155 -15.00 13.26 -20.03
N ARG A 156 -15.76 12.81 -19.03
CA ARG A 156 -15.20 12.60 -17.70
C ARG A 156 -14.18 11.48 -17.71
N PHE A 157 -13.14 11.64 -16.91
CA PHE A 157 -12.15 10.60 -16.64
C PHE A 157 -12.56 9.78 -15.44
N VAL A 158 -12.14 8.53 -15.43
CA VAL A 158 -12.64 7.52 -14.49
C VAL A 158 -11.47 6.71 -13.98
N TYR A 159 -11.44 6.46 -12.68
CA TYR A 159 -10.40 5.67 -12.03
C TYR A 159 -11.08 4.53 -11.28
N ARG A 160 -10.78 3.30 -11.68
CA ARG A 160 -11.51 2.11 -11.25
C ARG A 160 -10.55 1.20 -10.50
N LEU A 161 -10.63 1.21 -9.18
CA LEU A 161 -9.99 0.18 -8.35
C LEU A 161 -11.03 -0.85 -7.89
N LEU A 162 -11.49 -1.65 -8.85
CA LEU A 162 -12.60 -2.57 -8.62
C LEU A 162 -12.10 -3.89 -8.07
N ARG A 163 -12.87 -4.46 -7.13
CA ARG A 163 -12.73 -5.85 -6.68
C ARG A 163 -11.33 -6.14 -6.14
N SER A 164 -10.67 -5.12 -5.64
CA SER A 164 -9.39 -5.32 -5.01
C SER A 164 -9.58 -6.28 -3.83
N PRO A 165 -8.72 -7.29 -3.68
CA PRO A 165 -8.88 -8.22 -2.56
C PRO A 165 -8.55 -7.57 -1.23
N MET A 166 -9.33 -7.91 -0.21
CA MET A 166 -9.13 -7.35 1.12
C MET A 166 -7.85 -7.91 1.74
N CYS A 167 -7.11 -7.05 2.44
CA CYS A 167 -5.92 -7.53 3.14
C CYS A 167 -6.31 -8.49 4.25
N GLU A 168 -5.56 -9.60 4.35
CA GLU A 168 -5.94 -10.69 5.25
C GLU A 168 -5.97 -10.25 6.71
N TYR A 169 -5.30 -9.14 7.03
CA TYR A 169 -5.54 -8.46 8.30
C TYR A 169 -7.03 -8.13 8.47
N LEU A 170 -7.62 -7.44 7.49
CA LEU A 170 -8.99 -6.97 7.63
C LEU A 170 -9.97 -8.12 7.68
N VAL A 171 -9.71 -9.18 6.90
CA VAL A 171 -10.62 -10.32 6.86
C VAL A 171 -10.61 -11.05 8.20
N ASN A 172 -9.42 -11.28 8.75
CA ASN A 172 -9.34 -11.92 10.07
C ASN A 172 -9.95 -11.04 11.15
N PHE A 173 -9.68 -9.73 11.09
CA PHE A 173 -10.29 -8.80 12.03
C PHE A 173 -11.80 -8.90 11.99
N LEU A 174 -12.38 -8.89 10.79
CA LEU A 174 -13.84 -8.98 10.64
C LEU A 174 -14.38 -10.28 11.25
N HIS A 175 -13.70 -11.39 11.01
CA HIS A 175 -14.14 -12.64 11.61
C HIS A 175 -14.02 -12.60 13.12
N LYS A 176 -12.85 -12.16 13.62
CA LYS A 176 -12.69 -11.95 15.05
C LYS A 176 -13.76 -11.01 15.58
N LEU A 177 -13.95 -9.86 14.92
CA LEU A 177 -14.89 -8.88 15.42
C LEU A 177 -16.29 -9.47 15.49
N ARG A 178 -16.70 -10.21 14.46
CA ARG A 178 -18.09 -10.59 14.34
C ARG A 178 -18.54 -11.52 15.45
N GLN A 179 -17.60 -12.19 16.12
CA GLN A 179 -17.95 -13.20 17.10
C GLN A 179 -17.97 -12.65 18.52
N LEU A 180 -17.66 -11.38 18.70
CA LEU A 180 -17.77 -10.77 20.03
C LEU A 180 -19.22 -10.88 20.52
N PRO A 181 -19.43 -11.21 21.79
CA PRO A 181 -20.78 -11.62 22.23
C PRO A 181 -21.75 -10.47 22.44
N GLU A 182 -21.26 -9.25 22.60
CA GLU A 182 -22.10 -8.07 22.67
C GLU A 182 -21.61 -7.05 21.65
N ARG A 183 -22.53 -6.24 21.15
CA ARG A 183 -22.14 -5.27 20.14
C ARG A 183 -21.53 -4.02 20.76
N TYR A 184 -21.84 -3.68 22.01
CA TYR A 184 -21.08 -2.63 22.67
C TYR A 184 -19.60 -2.99 22.76
N MET A 185 -19.30 -4.29 22.76
CA MET A 185 -17.90 -4.73 22.75
C MET A 185 -17.26 -4.54 21.37
N MET A 186 -18.02 -4.81 20.31
CA MET A 186 -17.54 -4.46 18.97
C MET A 186 -17.34 -2.95 18.83
N ASN A 187 -18.27 -2.17 19.36
CA ASN A 187 -18.09 -0.72 19.33
C ASN A 187 -16.93 -0.27 20.21
N SER A 188 -16.69 -0.94 21.34
CA SER A 188 -15.50 -0.64 22.10
C SER A 188 -14.24 -0.94 21.29
N VAL A 189 -14.23 -2.08 20.61
CA VAL A 189 -13.07 -2.45 19.81
C VAL A 189 -12.91 -1.53 18.62
N LEU A 190 -14.01 -1.28 17.91
CA LEU A 190 -13.96 -0.40 16.75
C LEU A 190 -13.63 1.04 17.13
N GLU A 191 -13.84 1.44 18.38
CA GLU A 191 -13.50 2.80 18.79
C GLU A 191 -12.06 3.12 18.46
N ASN A 192 -11.19 2.11 18.53
CA ASN A 192 -9.76 2.30 18.46
C ASN A 192 -9.18 1.93 17.10
N PHE A 193 -10.05 1.59 16.15
CA PHE A 193 -9.67 1.13 14.83
C PHE A 193 -10.13 2.19 13.83
N THR A 194 -9.19 2.71 13.04
CA THR A 194 -9.48 3.77 12.08
C THR A 194 -8.69 3.54 10.80
N ILE A 195 -9.13 4.20 9.74
CA ILE A 195 -8.48 4.10 8.44
C ILE A 195 -8.31 5.50 7.87
N LEU A 196 -7.09 5.83 7.44
CA LEU A 196 -6.79 7.07 6.75
C LEU A 196 -6.49 6.78 5.30
N GLN A 197 -7.18 7.46 4.40
CA GLN A 197 -7.05 7.29 2.96
C GLN A 197 -6.56 8.58 2.33
N VAL A 198 -5.45 8.50 1.60
CA VAL A 198 -4.88 9.67 0.94
C VAL A 198 -4.71 9.37 -0.53
N VAL A 199 -5.37 10.15 -1.37
CA VAL A 199 -5.26 10.07 -2.82
C VAL A 199 -4.46 11.28 -3.29
N THR A 200 -3.37 11.02 -4.03
CA THR A 200 -2.50 12.07 -4.53
C THR A 200 -2.26 11.86 -6.01
N ASN A 201 -2.06 12.97 -6.73
CA ASN A 201 -1.52 12.91 -8.08
C ASN A 201 -0.14 12.26 -8.05
N ARG A 202 0.04 11.17 -8.80
CA ARG A 202 1.32 10.44 -8.76
C ARG A 202 2.46 11.32 -9.26
N ASP A 203 2.23 12.10 -10.31
CA ASP A 203 3.29 12.89 -10.92
C ASP A 203 3.60 14.14 -10.09
N THR A 204 2.60 15.00 -9.89
CA THR A 204 2.81 16.29 -9.24
C THR A 204 2.92 16.17 -7.73
N GLN A 205 2.62 15.01 -7.15
CA GLN A 205 2.70 14.72 -5.73
C GLN A 205 1.68 15.49 -4.91
N GLU A 206 0.71 16.16 -5.53
CA GLU A 206 -0.22 17.00 -4.80
C GLU A 206 -1.40 16.17 -4.30
N LEU A 207 -1.78 16.40 -3.06
CA LEU A 207 -2.90 15.67 -2.48
C LEU A 207 -4.19 16.10 -3.15
N LEU A 208 -5.02 15.12 -3.51
CA LEU A 208 -6.33 15.40 -4.10
C LEU A 208 -7.47 15.13 -3.13
N LEU A 209 -7.33 14.15 -2.24
CA LEU A 209 -8.45 13.70 -1.44
C LEU A 209 -7.91 12.96 -0.23
N CYS A 210 -8.31 13.38 0.97
CA CYS A 210 -7.94 12.69 2.20
C CYS A 210 -9.20 12.40 2.99
N THR A 211 -9.42 11.13 3.32
CA THR A 211 -10.65 10.68 3.94
C THR A 211 -10.31 9.92 5.21
N ALA A 212 -10.84 10.38 6.35
CA ALA A 212 -10.70 9.69 7.61
C ALA A 212 -11.96 8.88 7.91
N TYR A 213 -11.78 7.61 8.24
CA TYR A 213 -12.89 6.70 8.51
C TYR A 213 -12.86 6.31 9.99
N VAL A 214 -13.97 6.56 10.69
CA VAL A 214 -14.23 5.95 11.98
C VAL A 214 -15.43 5.00 11.85
N PHE A 215 -15.53 4.06 12.80
CA PHE A 215 -16.30 2.84 12.60
C PHE A 215 -17.16 2.54 13.82
N GLU A 216 -18.43 2.25 13.57
CA GLU A 216 -19.30 1.62 14.54
C GLU A 216 -19.89 0.36 13.90
N VAL A 217 -20.44 -0.51 14.72
CA VAL A 217 -21.23 -1.61 14.21
C VAL A 217 -22.68 -1.17 14.10
N SER A 218 -23.30 -1.47 12.97
CA SER A 218 -24.75 -1.37 12.83
C SER A 218 -25.43 -2.55 13.51
N THR A 219 -26.73 -2.39 13.78
CA THR A 219 -27.50 -3.51 14.30
C THR A 219 -27.74 -4.54 13.18
N SER A 220 -28.42 -5.63 13.56
CA SER A 220 -28.71 -6.68 12.58
C SER A 220 -29.70 -6.20 11.53
N GLU A 221 -30.78 -5.52 11.97
CA GLU A 221 -31.88 -5.18 11.07
C GLU A 221 -31.52 -4.03 10.14
N ARG A 222 -30.73 -3.07 10.62
CA ARG A 222 -30.21 -2.00 9.78
C ARG A 222 -28.95 -2.45 9.06
N GLY A 223 -28.90 -2.22 7.77
CA GLY A 223 -27.71 -2.51 6.99
C GLY A 223 -26.65 -1.46 7.19
N ALA A 224 -25.69 -1.46 6.27
CA ALA A 224 -24.60 -0.50 6.36
C ALA A 224 -25.11 0.93 6.25
N GLN A 225 -24.39 1.85 6.88
CA GLN A 225 -24.67 3.29 6.81
C GLN A 225 -23.40 4.10 6.91
N HIS A 226 -23.53 5.38 6.53
CA HIS A 226 -22.42 6.31 6.64
C HIS A 226 -22.94 7.73 6.84
N HIS A 227 -22.15 8.54 7.53
CA HIS A 227 -22.31 9.98 7.52
C HIS A 227 -20.98 10.60 7.13
N ILE A 228 -21.00 11.50 6.14
CA ILE A 228 -19.81 12.16 5.62
C ILE A 228 -19.77 13.58 6.16
N TYR A 229 -18.60 13.98 6.67
CA TYR A 229 -18.37 15.31 7.20
C TYR A 229 -17.21 15.98 6.46
N ARG A 230 -17.26 17.30 6.35
CA ARG A 230 -16.06 18.08 6.06
C ARG A 230 -15.20 18.19 7.32
N LEU A 231 -13.89 18.06 7.13
CA LEU A 231 -12.92 18.31 8.20
C LEU A 231 -12.37 19.73 8.08
N VAL A 232 -12.52 20.51 9.15
CA VAL A 232 -12.38 21.96 9.10
C VAL A 232 -11.44 22.40 10.21
N ARG A 233 -11.02 23.67 10.13
CA ARG A 233 -10.15 24.25 11.14
C ARG A 233 -10.19 25.78 11.09
N GLY B 9 23.95 -11.15 -13.57
CA GLY B 9 23.69 -10.58 -12.26
C GLY B 9 22.28 -10.85 -11.72
N LEU B 10 21.56 -9.78 -11.40
CA LEU B 10 20.23 -9.89 -10.80
C LEU B 10 19.19 -9.76 -11.91
N GLY B 11 18.72 -10.90 -12.38
CA GLY B 11 17.58 -10.94 -13.28
C GLY B 11 17.55 -12.23 -14.06
N THR B 12 16.59 -12.32 -14.97
CA THR B 12 16.44 -13.45 -15.87
C THR B 12 16.78 -13.00 -17.29
N ALA B 13 16.78 -13.95 -18.22
CA ALA B 13 16.81 -13.60 -19.65
C ALA B 13 15.68 -12.66 -20.02
N ARG B 14 14.55 -12.78 -19.33
CA ARG B 14 13.34 -12.07 -19.71
C ARG B 14 13.28 -10.68 -19.08
N LEU B 15 13.92 -10.48 -17.92
CA LEU B 15 13.97 -9.18 -17.26
C LEU B 15 15.27 -9.06 -16.48
N GLN B 16 15.85 -7.86 -16.48
CA GLN B 16 17.13 -7.61 -15.85
C GLN B 16 17.04 -6.30 -15.07
N LEU B 17 17.46 -6.32 -13.81
CA LEU B 17 17.60 -5.10 -13.04
C LEU B 17 18.96 -4.49 -13.32
N VAL B 18 18.98 -3.23 -13.73
CA VAL B 18 20.22 -2.57 -14.14
C VAL B 18 20.70 -1.58 -13.09
N GLU B 19 19.79 -0.95 -12.35
CA GLU B 19 20.19 -0.04 -11.29
C GLU B 19 19.08 0.09 -10.28
N PHE B 20 19.47 0.18 -9.01
CA PHE B 20 18.57 0.41 -7.90
C PHE B 20 19.30 1.26 -6.86
N SER B 21 18.58 2.22 -6.27
CA SER B 21 19.13 3.01 -5.19
C SER B 21 18.01 3.52 -4.32
N ALA B 22 18.30 3.66 -3.03
CA ALA B 22 17.47 4.42 -2.12
C ALA B 22 18.32 5.49 -1.46
N PHE B 23 17.78 6.71 -1.43
CA PHE B 23 18.57 7.91 -1.19
C PHE B 23 17.69 8.94 -0.50
N VAL B 24 18.29 10.03 -0.02
CA VAL B 24 17.47 11.08 0.59
C VAL B 24 17.68 12.46 -0.05
N GLU B 25 18.93 12.90 -0.22
CA GLU B 25 19.27 14.21 -0.80
C GLU B 25 18.79 15.38 0.08
N ARG B 35 24.09 13.41 -3.25
CA ARG B 35 23.10 12.82 -2.36
C ARG B 35 23.75 11.70 -1.54
N HIS B 36 23.04 11.19 -0.54
CA HIS B 36 23.46 10.02 0.23
C HIS B 36 22.66 8.81 -0.22
N LEU B 37 23.35 7.70 -0.47
CA LEU B 37 22.73 6.46 -0.92
C LEU B 37 22.71 5.49 0.23
N PHE B 38 21.52 5.17 0.75
CA PHE B 38 21.44 4.14 1.77
C PHE B 38 21.87 2.80 1.22
N VAL B 39 21.26 2.38 0.11
CA VAL B 39 21.67 1.18 -0.61
C VAL B 39 21.74 1.52 -2.10
N HIS B 40 22.47 0.69 -2.83
CA HIS B 40 22.82 1.00 -4.22
C HIS B 40 23.22 -0.30 -4.90
N ILE B 41 22.54 -0.65 -5.99
CA ILE B 41 23.04 -1.61 -6.97
C ILE B 41 23.18 -0.90 -8.31
N SER B 42 24.34 -1.07 -8.94
CA SER B 42 24.56 -0.71 -10.35
C SER B 42 25.14 -1.89 -11.11
N GLN B 43 24.70 -2.03 -12.36
CA GLN B 43 25.09 -3.15 -13.21
C GLN B 43 25.17 -2.71 -14.67
N PRO B 52 30.24 -15.33 -10.96
CA PRO B 52 29.30 -16.38 -10.54
C PRO B 52 28.59 -16.04 -9.23
N LEU B 53 27.25 -16.01 -9.24
CA LEU B 53 26.50 -15.65 -8.04
C LEU B 53 26.32 -16.86 -7.13
N GLU B 54 26.39 -16.61 -5.83
CA GLU B 54 26.26 -17.67 -4.84
C GLU B 54 24.80 -18.07 -4.68
N SER B 55 24.55 -19.04 -3.80
CA SER B 55 23.27 -19.72 -3.71
C SER B 55 22.81 -19.75 -2.26
N VAL B 56 21.50 -19.65 -2.07
CA VAL B 56 20.89 -19.70 -0.73
C VAL B 56 19.62 -20.52 -0.79
N ASP B 57 19.39 -21.32 0.26
CA ASP B 57 18.19 -22.14 0.34
C ASP B 57 17.03 -21.27 0.80
N VAL B 58 15.99 -21.18 -0.02
CA VAL B 58 14.85 -20.32 0.28
C VAL B 58 14.10 -20.78 1.52
N ARG B 59 14.21 -22.06 1.87
CA ARG B 59 13.54 -22.57 3.06
C ARG B 59 14.00 -21.82 4.30
N GLN B 60 15.28 -21.40 4.30
CA GLN B 60 15.89 -20.78 5.47
C GLN B 60 15.14 -19.52 5.88
N ILE B 61 14.65 -18.76 4.91
CA ILE B 61 14.19 -17.41 5.15
C ILE B 61 12.67 -17.33 5.07
N TYR B 62 11.98 -18.46 5.16
CA TYR B 62 10.54 -18.49 4.90
C TYR B 62 9.76 -17.75 5.99
N ASP B 63 10.23 -17.83 7.24
CA ASP B 63 9.60 -17.11 8.34
C ASP B 63 9.75 -15.60 8.24
N LYS B 64 10.61 -15.12 7.35
CA LYS B 64 10.87 -13.69 7.23
C LYS B 64 9.77 -12.95 6.45
N PHE B 65 8.82 -13.67 5.88
CA PHE B 65 7.84 -13.15 4.92
C PHE B 65 6.53 -13.79 5.18
N PRO B 66 5.40 -13.18 4.71
CA PRO B 66 4.09 -13.61 5.17
C PRO B 66 3.74 -14.96 4.56
N GLU B 67 3.37 -15.92 5.42
CA GLU B 67 3.58 -17.33 5.05
C GLU B 67 2.69 -17.73 3.88
N LYS B 68 1.37 -17.53 4.02
CA LYS B 68 0.41 -18.37 3.33
C LYS B 68 -0.07 -17.76 2.03
N LYS B 69 -0.49 -16.49 2.05
CA LYS B 69 -0.98 -15.80 0.87
C LYS B 69 -0.08 -14.62 0.58
N GLY B 70 0.32 -14.48 -0.68
CA GLY B 70 1.44 -13.61 -1.01
C GLY B 70 2.74 -14.07 -0.40
N GLY B 71 2.98 -15.38 -0.41
CA GLY B 71 3.95 -15.99 0.48
C GLY B 71 5.16 -16.44 -0.30
N LEU B 72 6.33 -16.35 0.33
CA LEU B 72 7.54 -16.86 -0.31
C LEU B 72 7.49 -18.36 -0.52
N ARG B 73 6.90 -19.10 0.43
CA ARG B 73 6.65 -20.51 0.19
C ARG B 73 5.69 -20.70 -0.99
N GLU B 74 4.60 -19.93 -1.02
CA GLU B 74 3.57 -20.14 -2.03
C GLU B 74 4.04 -19.64 -3.40
N LEU B 75 4.83 -18.57 -3.43
CA LEU B 75 5.30 -18.02 -4.70
C LEU B 75 6.35 -18.89 -5.33
N TYR B 76 7.31 -19.37 -4.53
CA TYR B 76 8.34 -20.25 -5.07
C TYR B 76 7.75 -21.57 -5.52
N ASP B 77 6.62 -21.98 -4.94
CA ASP B 77 5.91 -23.16 -5.43
C ASP B 77 5.52 -23.00 -6.89
N ARG B 78 4.87 -21.88 -7.23
CA ARG B 78 4.42 -21.64 -8.60
C ARG B 78 5.59 -21.48 -9.57
N GLY B 79 6.76 -21.07 -9.10
CA GLY B 79 7.89 -20.88 -9.96
C GLY B 79 7.78 -19.61 -10.75
N PRO B 80 8.64 -19.44 -11.76
CA PRO B 80 9.78 -20.34 -11.99
C PRO B 80 10.94 -20.07 -11.03
N PRO B 81 11.61 -21.14 -10.59
CA PRO B 81 12.60 -21.00 -9.51
C PRO B 81 13.78 -20.10 -9.86
N HIS B 82 14.14 -20.01 -11.14
CA HIS B 82 15.28 -19.19 -11.54
C HIS B 82 15.03 -17.70 -11.39
N ALA B 83 13.79 -17.31 -11.09
CA ALA B 83 13.40 -15.91 -11.00
C ALA B 83 13.47 -15.36 -9.58
N PHE B 84 14.00 -16.13 -8.62
CA PHE B 84 13.95 -15.77 -7.21
C PHE B 84 15.34 -15.47 -6.69
N PHE B 85 15.51 -14.31 -6.07
CA PHE B 85 16.81 -13.84 -5.64
C PHE B 85 16.74 -13.28 -4.24
N LEU B 86 17.81 -13.47 -3.48
CA LEU B 86 18.04 -12.76 -2.23
C LEU B 86 19.07 -11.67 -2.44
N VAL B 87 18.83 -10.50 -1.83
CA VAL B 87 19.79 -9.39 -1.79
C VAL B 87 19.98 -8.99 -0.34
N LYS B 88 21.17 -9.24 0.21
CA LYS B 88 21.50 -8.66 1.50
C LYS B 88 22.10 -7.27 1.29
N PHE B 89 21.56 -6.29 1.98
CA PHE B 89 22.10 -4.94 2.00
C PHE B 89 22.83 -4.67 3.30
N TRP B 90 23.99 -4.01 3.22
CA TRP B 90 24.60 -3.34 4.37
C TRP B 90 24.46 -1.83 4.15
N ALA B 91 23.36 -1.27 4.65
CA ALA B 91 23.02 0.11 4.33
C ALA B 91 23.93 1.09 5.05
N ASP B 92 24.11 2.27 4.45
CA ASP B 92 24.82 3.37 5.09
C ASP B 92 23.82 4.37 5.66
N LEU B 93 23.86 4.56 6.98
CA LEU B 93 22.90 5.39 7.69
C LEU B 93 23.54 6.64 8.30
N ASN B 94 24.67 7.08 7.76
CA ASN B 94 25.32 8.31 8.22
C ASN B 94 25.04 9.42 7.22
N TRP B 95 24.21 10.39 7.62
CA TRP B 95 24.00 11.60 6.84
C TRP B 95 23.48 12.76 7.70
N TYR B 114 14.14 11.42 0.31
CA TYR B 114 13.59 10.10 0.58
C TYR B 114 12.88 9.53 -0.63
N GLY B 115 13.68 9.07 -1.59
CA GLY B 115 13.17 8.45 -2.78
C GLY B 115 13.87 7.11 -3.03
N VAL B 116 13.36 6.41 -4.02
CA VAL B 116 13.98 5.20 -4.53
C VAL B 116 13.96 5.26 -6.05
N SER B 117 15.12 5.04 -6.67
CA SER B 117 15.23 4.96 -8.12
C SER B 117 15.57 3.54 -8.52
N SER B 118 14.75 2.95 -9.39
CA SER B 118 15.00 1.61 -9.91
C SER B 118 14.76 1.60 -11.41
N GLN B 119 15.57 0.83 -12.12
CA GLN B 119 15.44 0.71 -13.56
C GLN B 119 15.63 -0.75 -13.95
N TYR B 120 14.81 -1.23 -14.88
CA TYR B 120 14.86 -2.60 -15.35
C TYR B 120 15.04 -2.59 -16.87
N GLU B 121 15.15 -3.79 -17.45
CA GLU B 121 15.46 -3.96 -18.86
C GLU B 121 14.83 -5.24 -19.37
N SER B 122 14.48 -5.24 -20.66
CA SER B 122 14.08 -6.45 -21.35
C SER B 122 14.23 -6.25 -22.85
N LEU B 123 14.16 -7.35 -23.58
CA LEU B 123 14.04 -7.31 -25.03
C LEU B 123 12.62 -7.49 -25.54
N GLU B 124 11.70 -7.99 -24.71
CA GLU B 124 10.27 -7.96 -25.01
C GLU B 124 9.62 -6.67 -24.52
N HIS B 125 8.67 -6.17 -25.29
CA HIS B 125 7.83 -5.08 -24.84
C HIS B 125 6.71 -5.61 -23.95
N MET B 126 6.74 -5.24 -22.67
CA MET B 126 5.67 -5.61 -21.76
C MET B 126 5.40 -4.46 -20.80
N THR B 127 4.36 -4.64 -20.00
CA THR B 127 4.07 -3.81 -18.85
C THR B 127 4.28 -4.60 -17.56
N LEU B 128 4.91 -3.97 -16.59
CA LEU B 128 5.31 -4.65 -15.35
C LEU B 128 4.39 -4.24 -14.21
N THR B 129 4.09 -5.20 -13.33
CA THR B 129 3.52 -4.93 -12.01
C THR B 129 4.60 -5.20 -10.98
N CYS B 130 5.22 -4.13 -10.47
CA CYS B 130 6.14 -4.21 -9.36
CA CYS B 130 6.14 -4.21 -9.36
C CYS B 130 5.35 -4.09 -8.07
N SER B 131 5.30 -5.17 -7.30
CA SER B 131 4.72 -5.17 -5.96
C SER B 131 5.83 -5.23 -4.93
N SER B 132 5.79 -4.34 -3.95
CA SER B 132 6.73 -4.34 -2.83
C SER B 132 5.95 -4.57 -1.54
N LYS B 133 6.36 -5.57 -0.78
CA LYS B 133 5.72 -5.93 0.48
C LYS B 133 6.76 -5.78 1.57
N VAL B 134 6.60 -4.78 2.44
CA VAL B 134 7.47 -4.62 3.60
C VAL B 134 6.91 -5.42 4.76
N CYS B 135 7.71 -6.32 5.31
CA CYS B 135 7.32 -7.15 6.44
C CYS B 135 8.09 -6.76 7.70
N SER B 136 7.38 -6.66 8.81
CA SER B 136 8.03 -6.57 10.12
C SER B 136 7.65 -7.78 10.97
N PHE B 137 8.66 -8.49 11.46
CA PHE B 137 8.48 -9.70 12.25
C PHE B 137 7.64 -10.74 11.51
N GLY B 138 7.85 -10.86 10.20
CA GLY B 138 7.11 -11.81 9.40
C GLY B 138 5.72 -11.39 8.99
N LYS B 139 5.31 -10.16 9.31
CA LYS B 139 3.96 -9.68 9.06
C LYS B 139 4.03 -8.53 8.08
N GLN B 140 3.20 -8.57 7.04
CA GLN B 140 3.17 -7.53 6.03
C GLN B 140 2.62 -6.24 6.63
N VAL B 141 3.45 -5.20 6.73
CA VAL B 141 2.99 -3.91 7.22
C VAL B 141 2.84 -2.87 6.10
N VAL B 142 3.46 -3.08 4.94
CA VAL B 142 3.20 -2.27 3.75
C VAL B 142 3.12 -3.20 2.54
N GLU B 143 2.17 -2.92 1.64
CA GLU B 143 2.27 -3.30 0.25
C GLU B 143 2.14 -2.07 -0.65
N LYS B 144 3.11 -1.89 -1.54
CA LYS B 144 3.04 -0.87 -2.60
C LYS B 144 3.01 -1.57 -3.96
N VAL B 145 2.07 -1.16 -4.81
CA VAL B 145 1.89 -1.77 -6.13
C VAL B 145 1.95 -0.68 -7.18
N GLU B 146 2.90 -0.81 -8.12
CA GLU B 146 3.13 0.17 -9.17
C GLU B 146 3.12 -0.53 -10.52
N THR B 147 2.83 0.26 -11.56
CA THR B 147 2.87 -0.21 -12.93
C THR B 147 3.81 0.68 -13.73
N GLU B 148 4.58 0.07 -14.62
CA GLU B 148 5.44 0.80 -15.55
C GLU B 148 5.39 0.12 -16.91
N ARG B 149 4.98 0.85 -17.94
CA ARG B 149 5.05 0.37 -19.31
C ARG B 149 6.45 0.56 -19.89
N ALA B 150 6.73 -0.19 -20.95
CA ALA B 150 8.08 -0.22 -21.51
C ALA B 150 8.36 1.02 -22.33
N GLN B 151 9.58 1.54 -22.23
CA GLN B 151 10.04 2.64 -23.07
C GLN B 151 11.22 2.17 -23.92
N LEU B 152 11.14 2.42 -25.24
CA LEU B 152 12.19 1.96 -26.15
C LEU B 152 13.39 2.88 -26.06
N GLU B 153 14.58 2.30 -25.92
CA GLU B 153 15.81 3.08 -25.78
C GLU B 153 16.98 2.20 -26.21
N ASP B 154 17.68 2.63 -27.26
CA ASP B 154 18.96 2.03 -27.65
C ASP B 154 18.85 0.52 -27.84
N GLY B 155 17.84 0.12 -28.61
CA GLY B 155 17.76 -1.26 -29.05
C GLY B 155 17.25 -2.22 -27.99
N ARG B 156 16.58 -1.72 -26.96
CA ARG B 156 16.10 -2.55 -25.87
C ARG B 156 15.02 -1.76 -25.13
N PHE B 157 14.36 -2.42 -24.19
CA PHE B 157 13.27 -1.82 -23.44
C PHE B 157 13.69 -1.59 -22.00
N VAL B 158 13.54 -0.35 -21.55
CA VAL B 158 13.86 0.03 -20.18
C VAL B 158 12.57 0.36 -19.44
N TYR B 159 12.58 0.09 -18.13
CA TYR B 159 11.41 0.34 -17.28
C TYR B 159 11.87 1.20 -16.12
N ARG B 160 11.66 2.52 -16.24
CA ARG B 160 12.23 3.47 -15.29
C ARG B 160 11.16 3.84 -14.27
N LEU B 161 11.43 3.49 -13.01
CA LEU B 161 10.56 3.77 -11.87
C LEU B 161 11.21 4.79 -10.95
N LEU B 162 11.80 5.83 -11.54
CA LEU B 162 12.77 6.67 -10.85
C LEU B 162 12.09 7.66 -9.90
N ARG B 163 12.78 7.98 -8.81
CA ARG B 163 12.41 9.06 -7.88
C ARG B 163 11.01 8.85 -7.29
N SER B 164 10.63 7.59 -7.07
CA SER B 164 9.38 7.26 -6.42
C SER B 164 9.43 7.68 -4.95
N PRO B 165 8.29 8.08 -4.36
CA PRO B 165 8.32 8.54 -2.97
C PRO B 165 8.33 7.39 -1.96
N MET B 166 9.42 7.31 -1.19
CA MET B 166 9.53 6.29 -0.15
C MET B 166 8.39 6.45 0.87
N CYS B 167 7.83 5.33 1.31
CA CYS B 167 6.62 5.40 2.13
C CYS B 167 6.87 6.19 3.41
N GLU B 168 5.78 6.74 3.96
CA GLU B 168 5.84 7.31 5.30
C GLU B 168 6.34 6.29 6.30
N TYR B 169 6.03 5.02 6.10
CA TYR B 169 6.51 4.00 7.02
C TYR B 169 8.04 3.98 7.05
N LEU B 170 8.67 3.93 5.87
CA LEU B 170 10.12 3.81 5.80
C LEU B 170 10.86 5.12 6.10
N VAL B 171 10.22 6.27 5.88
CA VAL B 171 10.90 7.50 6.26
C VAL B 171 10.86 7.68 7.78
N ASN B 172 9.74 7.35 8.42
CA ASN B 172 9.69 7.33 9.88
C ASN B 172 10.69 6.33 10.44
N PHE B 173 10.71 5.13 9.86
CA PHE B 173 11.57 4.08 10.39
C PHE B 173 13.04 4.48 10.30
N LEU B 174 13.46 5.05 9.15
CA LEU B 174 14.84 5.51 9.03
C LEU B 174 15.14 6.61 10.03
N HIS B 175 14.19 7.52 10.25
CA HIS B 175 14.42 8.64 11.17
C HIS B 175 14.64 8.14 12.60
N LYS B 176 13.81 7.21 13.05
CA LYS B 176 14.08 6.56 14.34
C LYS B 176 15.38 5.78 14.29
N LEU B 177 15.56 4.95 13.25
CA LEU B 177 16.68 4.02 13.22
C LEU B 177 18.02 4.74 13.26
N ARG B 178 18.11 5.94 12.66
CA ARG B 178 19.39 6.64 12.61
C ARG B 178 19.85 7.02 14.01
N GLN B 179 18.91 7.26 14.92
CA GLN B 179 19.23 7.85 16.20
C GLN B 179 19.74 6.84 17.20
N LEU B 180 19.73 5.56 16.86
CA LEU B 180 20.26 4.54 17.74
C LEU B 180 21.77 4.73 17.92
N PRO B 181 22.30 4.57 19.13
CA PRO B 181 23.69 4.95 19.39
C PRO B 181 24.73 3.92 18.98
N GLU B 182 24.33 2.76 18.45
CA GLU B 182 25.24 1.65 18.21
C GLU B 182 24.77 0.86 17.01
N ARG B 183 25.72 0.47 16.15
CA ARG B 183 25.36 -0.25 14.93
C ARG B 183 24.74 -1.60 15.23
N TYR B 184 25.20 -2.27 16.29
CA TYR B 184 24.59 -3.54 16.65
C TYR B 184 23.14 -3.37 17.04
N MET B 185 22.79 -2.22 17.62
CA MET B 185 21.38 -1.96 17.92
C MET B 185 20.57 -1.79 16.64
N MET B 186 21.12 -1.10 15.64
CA MET B 186 20.43 -1.00 14.35
C MET B 186 20.30 -2.37 13.69
N ASN B 187 21.35 -3.19 13.75
CA ASN B 187 21.28 -4.54 13.20
C ASN B 187 20.21 -5.36 13.91
N SER B 188 20.17 -5.31 15.24
CA SER B 188 19.15 -6.04 15.98
C SER B 188 17.76 -5.62 15.55
N VAL B 189 17.53 -4.31 15.43
CA VAL B 189 16.23 -3.81 14.97
C VAL B 189 15.95 -4.30 13.55
N LEU B 190 16.95 -4.20 12.67
CA LEU B 190 16.77 -4.58 11.27
C LEU B 190 16.65 -6.08 11.08
N GLU B 191 17.14 -6.87 12.04
CA GLU B 191 16.96 -8.33 11.98
C GLU B 191 15.53 -8.72 11.66
N ASN B 192 14.55 -7.90 12.05
CA ASN B 192 13.14 -8.26 11.99
C ASN B 192 12.41 -7.52 10.87
N PHE B 193 13.12 -6.93 9.94
CA PHE B 193 12.54 -6.07 8.93
C PHE B 193 13.05 -6.52 7.58
N THR B 194 12.13 -6.74 6.64
CA THR B 194 12.43 -7.36 5.35
C THR B 194 11.49 -6.80 4.29
N ILE B 195 11.96 -6.77 3.05
CA ILE B 195 11.18 -6.32 1.90
C ILE B 195 11.17 -7.42 0.86
N LEU B 196 10.04 -7.60 0.18
CA LEU B 196 9.89 -8.60 -0.87
C LEU B 196 9.28 -7.95 -2.09
N GLN B 197 9.96 -8.02 -3.23
CA GLN B 197 9.53 -7.36 -4.46
C GLN B 197 9.16 -8.42 -5.50
N VAL B 198 7.96 -8.32 -6.05
CA VAL B 198 7.47 -9.24 -7.08
C VAL B 198 7.16 -8.45 -8.35
N VAL B 199 7.93 -8.71 -9.41
CA VAL B 199 7.69 -8.09 -10.71
C VAL B 199 7.07 -9.13 -11.62
N THR B 200 5.87 -8.83 -12.12
CA THR B 200 5.16 -9.73 -13.02
C THR B 200 4.82 -8.98 -14.29
N ASN B 201 4.69 -9.72 -15.37
CA ASN B 201 4.01 -9.22 -16.56
C ASN B 201 2.55 -8.91 -16.23
N ARG B 202 2.15 -7.65 -16.39
CA ARG B 202 0.77 -7.30 -16.09
C ARG B 202 -0.19 -8.05 -16.99
N ASP B 203 0.11 -8.13 -18.29
CA ASP B 203 -0.85 -8.68 -19.24
C ASP B 203 -1.04 -10.18 -19.01
N THR B 204 0.05 -10.91 -18.85
CA THR B 204 -0.01 -12.36 -18.66
C THR B 204 -0.09 -12.77 -17.20
N GLN B 205 0.26 -11.88 -16.26
CA GLN B 205 0.24 -12.15 -14.82
C GLN B 205 1.19 -13.27 -14.43
N GLU B 206 2.24 -13.48 -15.21
CA GLU B 206 3.25 -14.47 -14.87
C GLU B 206 4.45 -13.79 -14.23
N LEU B 207 5.06 -14.49 -13.27
CA LEU B 207 6.11 -13.88 -12.46
C LEU B 207 7.37 -13.74 -13.30
N LEU B 208 7.96 -12.55 -13.30
CA LEU B 208 9.23 -12.31 -13.96
C LEU B 208 10.39 -12.31 -12.98
N LEU B 209 10.17 -11.84 -11.76
CA LEU B 209 11.26 -11.53 -10.86
C LEU B 209 10.69 -11.43 -9.47
N CYS B 210 11.29 -12.16 -8.53
CA CYS B 210 10.96 -12.06 -7.12
C CYS B 210 12.24 -11.92 -6.33
N THR B 211 12.39 -10.81 -5.64
CA THR B 211 13.61 -10.51 -4.89
C THR B 211 13.23 -10.34 -3.43
N ALA B 212 13.92 -11.07 -2.56
CA ALA B 212 13.86 -10.81 -1.14
C ALA B 212 15.01 -9.89 -0.75
N TYR B 213 14.74 -8.96 0.17
CA TYR B 213 15.77 -8.06 0.69
C TYR B 213 15.89 -8.25 2.21
N VAL B 214 17.11 -8.46 2.70
CA VAL B 214 17.41 -8.36 4.12
C VAL B 214 18.52 -7.33 4.34
N PHE B 215 18.65 -6.90 5.59
CA PHE B 215 19.27 -5.60 5.89
C PHE B 215 20.18 -5.70 7.09
N GLU B 216 21.41 -5.20 6.94
CA GLU B 216 22.22 -4.81 8.08
C GLU B 216 22.71 -3.38 7.94
N VAL B 217 23.59 -2.94 8.82
CA VAL B 217 24.19 -1.61 8.77
C VAL B 217 25.70 -1.73 8.61
N SER B 218 26.25 -0.84 7.81
CA SER B 218 27.68 -0.79 7.59
C SER B 218 28.28 0.40 8.34
N THR B 219 29.60 0.35 8.52
CA THR B 219 30.33 1.51 8.98
C THR B 219 30.39 2.56 7.87
N SER B 220 30.66 3.80 8.26
CA SER B 220 30.94 4.84 7.27
C SER B 220 32.28 4.61 6.56
N GLU B 221 33.25 4.01 7.25
CA GLU B 221 34.52 3.66 6.61
C GLU B 221 34.31 2.67 5.47
N ARG B 222 33.63 1.55 5.76
CA ARG B 222 33.44 0.52 4.74
C ARG B 222 32.52 1.02 3.65
N GLY B 223 31.42 1.66 4.03
CA GLY B 223 30.45 2.15 3.07
C GLY B 223 29.47 1.07 2.65
N ALA B 224 28.55 1.47 1.76
CA ALA B 224 27.41 0.62 1.44
C ALA B 224 27.81 -0.55 0.54
N GLN B 225 27.16 -1.69 0.74
CA GLN B 225 27.46 -2.92 0.00
C GLN B 225 26.23 -3.82 -0.03
N HIS B 226 26.11 -4.59 -1.11
CA HIS B 226 25.16 -5.69 -1.20
C HIS B 226 25.86 -6.99 -1.59
N HIS B 227 25.08 -8.05 -1.58
CA HIS B 227 25.54 -9.34 -2.10
C HIS B 227 24.29 -10.06 -2.57
N ILE B 228 24.21 -10.29 -3.87
CA ILE B 228 23.04 -10.90 -4.49
C ILE B 228 23.21 -12.41 -4.47
N TYR B 229 22.18 -13.10 -4.02
CA TYR B 229 22.18 -14.56 -3.99
C TYR B 229 21.07 -15.10 -4.89
N ARG B 230 21.22 -16.35 -5.28
CA ARG B 230 20.13 -17.10 -5.88
C ARG B 230 19.39 -17.90 -4.81
N LEU B 231 18.07 -17.92 -4.90
CA LEU B 231 17.24 -18.74 -4.02
C LEU B 231 16.99 -20.10 -4.66
N VAL B 232 17.28 -21.17 -3.91
CA VAL B 232 17.15 -22.53 -4.41
C VAL B 232 16.34 -23.39 -3.45
N ARG B 233 16.21 -24.68 -3.79
CA ARG B 233 15.40 -25.61 -3.01
C ARG B 233 15.83 -27.04 -3.30
N1 EFI C . 8.14 1.44 0.05
C4 EFI C . 13.42 0.36 -0.69
C5 EFI C . 13.72 -0.91 -1.18
C6 EFI C . 14.80 -1.60 -0.68
C7 EFI C . 15.56 -1.01 0.33
C8 EFI C . 15.26 0.26 0.84
C10 EFI C . 14.18 0.96 0.32
C13 EFI C . 8.78 0.74 -2.89
C15 EFI C . 7.51 0.51 -0.83
N EFI C . 7.64 1.59 2.28
C EFI C . 7.48 1.96 1.12
C1 EFI C . 9.56 1.71 -0.37
C11 EFI C . 11.21 0.50 -3.15
C12 EFI C . 9.88 0.19 -3.82
C14 EFI C . 8.70 -0.07 -1.60
C2 EFI C . 9.95 0.31 -0.85
C3 EFI C . 11.27 0.17 -1.66
C9 EFI C . 16.11 0.87 1.94
F EFI C . 15.73 2.12 2.07
F1 EFI C . 17.41 0.83 1.65
F2 EFI C . 15.89 0.23 3.08
N2 EFI C . 12.35 1.01 -1.19
#